data_7BNW
#
_entry.id   7BNW
#
_cell.length_a   95.857
_cell.length_b   95.857
_cell.length_c   118.895
_cell.angle_alpha   90.000
_cell.angle_beta   90.000
_cell.angle_gamma   120.000
#
_symmetry.space_group_name_H-M   'P 65'
#
loop_
_entity.id
_entity.type
_entity.pdbx_description
1 polymer 'nanobody nb18'
2 water water
#
_entity_poly.entity_id   1
_entity_poly.type   'polypeptide(L)'
_entity_poly.pdbx_seq_one_letter_code
;MAQVQLVESGGGSVQAGGSLRLSCAASGVPSSSRVMGWFRQAPGKQREFVAAISWTSGNVYYADSVKGRFTITRDNAKNT
MYLQMDSLKPEDTAVYYCNARRIRFGVRVYDYWGQGTQVTVSSHHHHHH
;
_entity_poly.pdbx_strand_id   A,B,C,D
#
# COMPACT_ATOMS: atom_id res chain seq x y z
N VAL A 4 2.24 1.98 -9.60
CA VAL A 4 3.14 1.60 -8.46
C VAL A 4 3.63 0.16 -8.63
N GLN A 5 4.91 -0.09 -8.32
CA GLN A 5 5.54 -1.44 -8.40
C GLN A 5 6.51 -1.64 -7.24
N LEU A 6 6.42 -2.76 -6.57
CA LEU A 6 7.46 -3.30 -5.65
C LEU A 6 8.07 -4.51 -6.35
N VAL A 7 9.37 -4.46 -6.67
CA VAL A 7 10.07 -5.53 -7.43
C VAL A 7 11.08 -6.13 -6.46
N GLU A 8 10.98 -7.44 -6.22
CA GLU A 8 11.89 -8.18 -5.29
C GLU A 8 13.01 -8.86 -6.09
N SER A 9 14.21 -8.98 -5.52
CA SER A 9 15.31 -9.79 -6.13
C SER A 9 16.21 -10.36 -5.04
N GLY A 10 16.95 -11.42 -5.33
CA GLY A 10 18.09 -11.92 -4.52
C GLY A 10 17.68 -13.05 -3.60
N GLY A 11 16.67 -13.83 -3.98
CA GLY A 11 16.34 -15.08 -3.26
C GLY A 11 17.32 -16.21 -3.57
N GLY A 12 16.93 -17.45 -3.30
CA GLY A 12 17.65 -18.67 -3.72
C GLY A 12 17.92 -19.63 -2.57
N SER A 13 18.69 -20.68 -2.86
CA SER A 13 19.11 -21.75 -1.90
C SER A 13 20.46 -21.37 -1.31
N VAL A 14 20.76 -21.90 -0.12
CA VAL A 14 22.01 -21.59 0.65
C VAL A 14 22.08 -22.60 1.80
N GLN A 15 23.31 -22.83 2.30
CA GLN A 15 23.60 -23.77 3.41
C GLN A 15 23.45 -23.01 4.74
N ALA A 16 22.91 -23.68 5.77
CA ALA A 16 22.73 -23.16 7.14
C ALA A 16 24.03 -22.57 7.68
N GLY A 17 24.03 -21.28 8.03
CA GLY A 17 25.20 -20.50 8.49
C GLY A 17 25.67 -19.52 7.44
N GLY A 18 25.08 -19.56 6.24
CA GLY A 18 25.45 -18.70 5.10
C GLY A 18 24.69 -17.39 5.08
N SER A 19 24.73 -16.70 3.95
CA SER A 19 24.40 -15.27 3.81
C SER A 19 23.70 -15.04 2.46
N LEU A 20 22.53 -14.38 2.48
CA LEU A 20 21.70 -13.95 1.32
C LEU A 20 21.34 -12.48 1.51
N ARG A 21 21.14 -11.74 0.40
CA ARG A 21 20.70 -10.32 0.39
C ARG A 21 19.52 -10.15 -0.56
N LEU A 22 18.32 -9.90 -0.02
CA LEU A 22 17.10 -9.54 -0.79
C LEU A 22 17.15 -8.03 -1.06
N SER A 23 16.65 -7.60 -2.21
CA SER A 23 16.41 -6.17 -2.53
C SER A 23 14.93 -5.95 -2.91
N CYS A 24 14.42 -4.73 -2.72
CA CYS A 24 13.09 -4.31 -3.20
C CYS A 24 13.17 -2.93 -3.83
N ALA A 25 13.01 -2.82 -5.17
CA ALA A 25 12.91 -1.52 -5.86
C ALA A 25 11.47 -1.00 -5.83
N ALA A 26 11.22 0.18 -5.26
CA ALA A 26 9.88 0.80 -5.10
C ALA A 26 9.68 2.00 -6.03
N SER A 27 8.91 1.79 -7.10
CA SER A 27 8.55 2.84 -8.07
C SER A 27 7.15 3.31 -7.77
N GLY A 28 6.99 4.63 -7.64
CA GLY A 28 5.71 5.38 -7.72
C GLY A 28 5.09 5.57 -6.36
N VAL A 29 5.83 5.25 -5.30
CA VAL A 29 5.39 5.39 -3.87
C VAL A 29 5.88 6.75 -3.39
N PRO A 30 5.00 7.58 -2.77
CA PRO A 30 5.50 8.84 -2.21
C PRO A 30 6.52 8.52 -1.08
N SER A 31 7.44 9.43 -0.86
CA SER A 31 8.43 9.36 0.23
C SER A 31 8.14 10.45 1.27
N SER A 32 6.88 10.76 1.60
CA SER A 32 6.59 11.72 2.69
C SER A 32 7.20 11.13 3.96
N SER A 33 6.57 10.07 4.45
CA SER A 33 7.09 9.29 5.60
C SER A 33 6.76 7.82 5.34
N ARG A 34 7.36 7.34 4.27
CA ARG A 34 7.14 5.97 3.75
C ARG A 34 7.75 5.03 4.78
N VAL A 35 7.13 3.88 4.98
CA VAL A 35 7.68 2.78 5.81
C VAL A 35 7.74 1.57 4.91
N MET A 36 8.88 0.92 4.75
CA MET A 36 9.01 -0.30 3.94
C MET A 36 9.52 -1.42 4.86
N GLY A 37 9.27 -2.67 4.49
CA GLY A 37 9.58 -3.81 5.37
C GLY A 37 9.32 -5.13 4.69
N TRP A 38 9.76 -6.21 5.32
CA TRP A 38 9.78 -7.59 4.75
C TRP A 38 8.84 -8.40 5.68
N PHE A 39 7.94 -9.21 5.11
CA PHE A 39 7.27 -10.35 5.75
C PHE A 39 7.79 -11.65 5.09
N ARG A 40 7.40 -12.78 5.66
CA ARG A 40 7.74 -14.12 5.14
C ARG A 40 6.66 -15.12 5.56
N GLN A 41 6.50 -16.15 4.72
CA GLN A 41 5.52 -17.21 4.94
C GLN A 41 6.14 -18.51 4.54
N ALA A 42 6.14 -19.47 5.49
CA ALA A 42 6.59 -20.85 5.24
C ALA A 42 5.36 -21.63 4.77
N PRO A 43 5.51 -22.78 4.07
CA PRO A 43 4.36 -23.52 3.56
C PRO A 43 3.39 -23.89 4.68
N GLY A 44 2.09 -23.65 4.51
CA GLY A 44 1.06 -24.05 5.53
C GLY A 44 1.11 -23.21 6.79
N LYS A 45 1.98 -22.19 6.86
CA LYS A 45 2.09 -21.32 8.04
C LYS A 45 1.56 -19.90 7.74
N GLN A 46 1.25 -19.13 8.78
CA GLN A 46 0.81 -17.72 8.69
C GLN A 46 1.94 -16.82 8.21
N ARG A 47 1.63 -15.79 7.43
CA ARG A 47 2.62 -14.77 7.02
C ARG A 47 2.99 -13.99 8.29
N GLU A 48 4.28 -13.83 8.57
CA GLU A 48 4.77 -13.18 9.82
C GLU A 48 5.73 -12.07 9.42
N PHE A 49 5.73 -11.01 10.23
CA PHE A 49 6.58 -9.82 10.07
C PHE A 49 8.04 -10.23 10.29
N VAL A 50 8.97 -9.63 9.55
CA VAL A 50 10.41 -9.92 9.71
C VAL A 50 11.14 -8.65 10.16
N ALA A 51 11.06 -7.59 9.38
CA ALA A 51 11.79 -6.33 9.68
C ALA A 51 11.17 -5.17 8.93
N ALA A 52 11.37 -3.92 9.42
CA ALA A 52 10.88 -2.69 8.77
C ALA A 52 11.84 -1.53 9.03
N ILE A 53 11.83 -0.55 8.12
CA ILE A 53 12.54 0.76 8.18
C ILE A 53 11.52 1.87 7.90
N SER A 54 11.60 2.95 8.67
CA SER A 54 11.01 4.25 8.29
C SER A 54 11.98 4.92 7.30
N TRP A 55 11.54 5.14 6.08
CA TRP A 55 12.31 5.80 4.99
C TRP A 55 12.63 7.25 5.39
N THR A 56 11.61 7.91 5.95
CA THR A 56 11.58 9.18 6.71
C THR A 56 12.99 9.51 7.17
N SER A 57 13.50 8.72 8.12
CA SER A 57 14.83 8.77 8.76
C SER A 57 15.66 7.62 8.16
N GLY A 58 16.11 6.67 8.98
CA GLY A 58 16.33 5.27 8.59
C GLY A 58 16.25 4.34 9.81
N ASN A 59 15.29 4.61 10.69
CA ASN A 59 15.05 3.83 11.94
C ASN A 59 14.57 2.43 11.55
N VAL A 60 14.91 1.45 12.35
CA VAL A 60 14.83 0.02 12.00
C VAL A 60 14.14 -0.77 13.15
N TYR A 61 13.53 -1.90 12.83
CA TYR A 61 12.88 -2.79 13.82
C TYR A 61 12.84 -4.21 13.27
N TYR A 62 13.05 -5.18 14.16
CA TYR A 62 13.20 -6.62 13.81
C TYR A 62 12.25 -7.44 14.66
N ALA A 63 11.80 -8.59 14.13
CA ALA A 63 11.23 -9.68 14.95
C ALA A 63 12.36 -10.26 15.81
N ASP A 64 12.06 -10.78 17.00
CA ASP A 64 13.07 -11.34 17.93
C ASP A 64 13.81 -12.54 17.31
N SER A 65 13.17 -13.23 16.37
CA SER A 65 13.68 -14.50 15.78
C SER A 65 14.82 -14.20 14.79
N VAL A 66 15.00 -12.92 14.48
CA VAL A 66 15.78 -12.39 13.33
C VAL A 66 16.78 -11.36 13.89
N LYS A 67 16.41 -10.66 14.96
CA LYS A 67 17.27 -9.68 15.68
C LYS A 67 18.65 -10.30 15.89
N GLY A 68 19.69 -9.53 15.56
CA GLY A 68 21.10 -9.94 15.71
C GLY A 68 21.65 -10.53 14.42
N ARG A 69 20.80 -11.20 13.65
CA ARG A 69 21.19 -12.00 12.46
C ARG A 69 20.94 -11.24 11.15
N PHE A 70 19.81 -10.54 11.01
CA PHE A 70 19.41 -9.83 9.75
C PHE A 70 19.58 -8.33 9.92
N THR A 71 19.93 -7.65 8.84
CA THR A 71 20.11 -6.17 8.79
C THR A 71 19.29 -5.61 7.61
N ILE A 72 18.38 -4.68 7.88
CA ILE A 72 17.54 -4.00 6.85
C ILE A 72 18.08 -2.59 6.60
N THR A 73 18.21 -2.22 5.32
CA THR A 73 18.85 -0.91 4.94
C THR A 73 18.04 -0.30 3.81
N ARG A 74 18.20 1.01 3.62
CA ARG A 74 17.51 1.77 2.56
C ARG A 74 18.57 2.51 1.74
N ASP A 75 18.44 2.48 0.43
CA ASP A 75 19.19 3.43 -0.44
C ASP A 75 18.18 4.41 -0.99
N ASN A 76 18.10 5.60 -0.37
CA ASN A 76 17.06 6.61 -0.64
C ASN A 76 17.05 6.98 -2.13
N ALA A 77 18.21 7.36 -2.70
CA ALA A 77 18.31 7.85 -4.09
C ALA A 77 17.85 6.80 -5.09
N LYS A 78 18.08 5.51 -4.81
CA LYS A 78 17.71 4.38 -5.71
C LYS A 78 16.26 3.91 -5.47
N ASN A 79 15.61 4.35 -4.37
CA ASN A 79 14.28 3.85 -3.95
C ASN A 79 14.35 2.34 -3.85
N THR A 80 15.41 1.81 -3.26
CA THR A 80 15.62 0.36 -3.08
C THR A 80 15.94 0.05 -1.61
N MET A 81 15.27 -0.93 -1.02
CA MET A 81 15.54 -1.40 0.35
C MET A 81 16.24 -2.76 0.26
N TYR A 82 17.04 -3.10 1.27
CA TYR A 82 17.77 -4.38 1.33
C TYR A 82 17.45 -5.11 2.62
N LEU A 83 17.59 -6.44 2.62
CA LEU A 83 17.58 -7.28 3.84
C LEU A 83 18.75 -8.24 3.72
N GLN A 84 19.87 -7.87 4.34
CA GLN A 84 21.06 -8.76 4.42
C GLN A 84 20.73 -9.83 5.46
N MET A 85 20.66 -11.10 5.07
CA MET A 85 20.32 -12.26 5.93
C MET A 85 21.56 -13.08 6.21
N ASP A 86 22.09 -13.00 7.44
CA ASP A 86 23.36 -13.68 7.85
C ASP A 86 23.04 -14.79 8.85
N SER A 87 23.98 -15.73 9.04
CA SER A 87 23.85 -16.78 10.09
C SER A 87 22.52 -17.52 9.86
N LEU A 88 22.22 -17.89 8.61
CA LEU A 88 20.88 -18.39 8.23
C LEU A 88 20.64 -19.76 8.86
N LYS A 89 19.37 -20.06 9.19
CA LYS A 89 18.96 -21.38 9.75
C LYS A 89 17.87 -21.96 8.85
N PRO A 90 17.63 -23.29 8.90
CA PRO A 90 16.55 -23.91 8.13
C PRO A 90 15.15 -23.33 8.40
N GLU A 91 14.92 -22.79 9.60
CA GLU A 91 13.63 -22.15 10.00
C GLU A 91 13.33 -20.91 9.13
N ASP A 92 14.36 -20.28 8.57
CA ASP A 92 14.27 -19.03 7.77
C ASP A 92 13.81 -19.35 6.33
N THR A 93 13.62 -20.62 5.99
CA THR A 93 13.08 -21.09 4.70
C THR A 93 11.66 -20.59 4.53
N ALA A 94 11.39 -19.77 3.50
CA ALA A 94 10.06 -19.14 3.29
C ALA A 94 10.01 -18.34 1.99
N VAL A 95 8.82 -17.89 1.61
CA VAL A 95 8.63 -16.85 0.55
C VAL A 95 8.61 -15.52 1.29
N TYR A 96 9.54 -14.63 0.95
CA TYR A 96 9.68 -13.28 1.56
C TYR A 96 8.96 -12.30 0.66
N TYR A 97 8.06 -11.52 1.21
CA TYR A 97 7.31 -10.46 0.50
C TYR A 97 7.76 -9.10 1.05
N CYS A 98 7.81 -8.15 0.12
CA CYS A 98 8.18 -6.73 0.32
C CYS A 98 6.90 -5.94 0.57
N ASN A 99 6.94 -4.88 1.35
CA ASN A 99 5.71 -4.13 1.71
C ASN A 99 6.09 -2.68 1.93
N ALA A 100 5.18 -1.77 1.54
CA ALA A 100 5.39 -0.31 1.64
C ALA A 100 4.06 0.26 2.05
N ARG A 101 4.05 1.05 3.13
CA ARG A 101 2.83 1.63 3.67
C ARG A 101 3.12 3.01 4.25
N ARG A 102 2.08 3.78 4.44
CA ARG A 102 2.10 5.06 5.18
C ARG A 102 0.85 5.10 6.00
N ILE A 103 0.99 5.54 7.25
CA ILE A 103 -0.14 5.73 8.20
C ILE A 103 -0.06 7.18 8.57
N ARG A 104 -1.16 7.91 8.34
CA ARG A 104 -1.28 9.39 8.57
C ARG A 104 -1.91 9.74 9.91
N PHE A 105 -3.22 9.56 10.06
CA PHE A 105 -3.98 9.90 11.28
C PHE A 105 -4.45 8.60 11.92
N GLY A 106 -3.58 7.61 12.06
CA GLY A 106 -4.00 6.21 12.35
C GLY A 106 -4.71 5.57 11.17
N VAL A 107 -4.85 6.30 10.06
CA VAL A 107 -5.43 5.77 8.80
C VAL A 107 -4.28 5.23 7.99
N ARG A 108 -4.38 3.97 7.56
CA ARG A 108 -3.39 3.37 6.65
C ARG A 108 -3.82 3.88 5.27
N VAL A 109 -3.00 4.79 4.71
CA VAL A 109 -3.30 5.53 3.46
C VAL A 109 -2.97 4.71 2.22
N TYR A 110 -1.90 3.92 2.26
CA TYR A 110 -1.57 2.96 1.17
C TYR A 110 -0.82 1.76 1.77
N ASP A 111 -0.84 0.68 1.00
CA ASP A 111 -0.30 -0.64 1.42
C ASP A 111 -0.10 -1.41 0.15
N TYR A 112 1.16 -1.42 -0.35
CA TYR A 112 1.59 -2.20 -1.51
C TYR A 112 2.41 -3.38 -1.01
N TRP A 113 2.45 -4.49 -1.82
CA TRP A 113 3.12 -5.78 -1.58
C TRP A 113 3.72 -6.26 -2.91
N GLY A 114 4.96 -6.76 -2.91
CA GLY A 114 5.56 -7.46 -4.03
C GLY A 114 5.01 -8.86 -4.16
N GLN A 115 5.44 -9.60 -5.17
CA GLN A 115 4.89 -10.94 -5.49
C GLN A 115 5.54 -12.05 -4.63
N GLY A 116 6.67 -11.77 -4.00
CA GLY A 116 7.37 -12.70 -3.09
C GLY A 116 8.49 -13.43 -3.79
N THR A 117 9.62 -13.63 -3.12
CA THR A 117 10.82 -14.35 -3.62
C THR A 117 11.19 -15.45 -2.63
N GLN A 118 11.37 -16.67 -3.12
CA GLN A 118 11.72 -17.90 -2.35
C GLN A 118 13.15 -17.78 -1.80
N VAL A 119 13.27 -18.11 -0.50
CA VAL A 119 14.55 -18.23 0.23
C VAL A 119 14.56 -19.63 0.84
N THR A 120 15.54 -20.48 0.48
CA THR A 120 15.67 -21.91 0.91
C THR A 120 17.01 -22.06 1.64
N VAL A 121 16.98 -22.38 2.95
CA VAL A 121 18.18 -22.69 3.78
C VAL A 121 18.14 -24.19 4.12
N SER A 122 19.13 -24.97 3.66
CA SER A 122 19.25 -26.43 3.88
C SER A 122 20.18 -26.75 5.06
N SER A 123 19.98 -27.89 5.71
CA SER A 123 20.85 -28.41 6.82
C SER A 123 22.13 -29.01 6.23
N VAL B 4 2.25 -24.79 -2.90
CA VAL B 4 0.95 -24.19 -2.33
C VAL B 4 0.36 -25.13 -1.28
N GLN B 5 -0.05 -24.58 -0.15
CA GLN B 5 -0.76 -25.26 0.94
C GLN B 5 -1.82 -24.34 1.56
N LEU B 6 -2.98 -24.90 1.87
CA LEU B 6 -3.98 -24.33 2.80
C LEU B 6 -3.99 -25.20 4.05
N VAL B 7 -3.73 -24.61 5.23
CA VAL B 7 -3.78 -25.37 6.51
C VAL B 7 -4.93 -24.79 7.34
N GLU B 8 -5.88 -25.63 7.73
CA GLU B 8 -6.94 -25.35 8.73
C GLU B 8 -6.51 -25.60 10.17
N SER B 9 -6.98 -24.78 11.09
CA SER B 9 -6.75 -24.97 12.56
C SER B 9 -7.92 -24.41 13.35
N GLY B 10 -8.08 -24.88 14.60
CA GLY B 10 -9.14 -24.43 15.52
C GLY B 10 -10.40 -25.27 15.46
N GLY B 11 -10.33 -26.53 15.00
CA GLY B 11 -11.45 -27.49 15.14
C GLY B 11 -11.61 -27.98 16.58
N GLY B 12 -12.46 -28.99 16.81
CA GLY B 12 -12.69 -29.57 18.14
C GLY B 12 -14.14 -29.84 18.42
N SER B 13 -14.40 -30.34 19.64
CA SER B 13 -15.74 -30.60 20.24
C SER B 13 -16.16 -29.35 21.00
N VAL B 14 -17.48 -29.17 21.19
CA VAL B 14 -18.08 -27.98 21.84
C VAL B 14 -19.56 -28.31 22.06
N GLN B 15 -20.19 -27.60 23.02
CA GLN B 15 -21.62 -27.77 23.38
C GLN B 15 -22.47 -26.91 22.44
N ALA B 16 -23.69 -27.37 22.15
CA ALA B 16 -24.72 -26.59 21.43
C ALA B 16 -24.96 -25.22 22.13
N GLY B 17 -24.75 -24.11 21.42
CA GLY B 17 -24.83 -22.72 21.92
C GLY B 17 -23.46 -22.08 22.09
N GLY B 18 -22.39 -22.85 21.94
CA GLY B 18 -21.00 -22.41 22.17
C GLY B 18 -20.38 -21.82 20.90
N SER B 19 -19.07 -21.63 20.95
CA SER B 19 -18.31 -20.79 20.00
C SER B 19 -16.99 -21.46 19.67
N LEU B 20 -16.71 -21.62 18.36
CA LEU B 20 -15.41 -22.03 17.78
C LEU B 20 -14.98 -21.01 16.75
N ARG B 21 -13.65 -20.91 16.52
CA ARG B 21 -13.00 -20.08 15.47
C ARG B 21 -12.02 -20.94 14.71
N LEU B 22 -12.36 -21.22 13.43
CA LEU B 22 -11.50 -21.91 12.45
C LEU B 22 -10.64 -20.86 11.77
N SER B 23 -9.40 -21.23 11.44
CA SER B 23 -8.45 -20.35 10.71
C SER B 23 -7.91 -21.15 9.51
N CYS B 24 -7.49 -20.46 8.44
CA CYS B 24 -6.90 -21.11 7.24
C CYS B 24 -5.73 -20.27 6.73
N ALA B 25 -4.51 -20.78 6.89
CA ALA B 25 -3.29 -20.13 6.36
C ALA B 25 -3.08 -20.51 4.87
N ALA B 26 -3.02 -19.55 3.97
CA ALA B 26 -2.82 -19.77 2.50
C ALA B 26 -1.40 -19.34 2.07
N SER B 27 -0.52 -20.33 1.92
CA SER B 27 0.95 -20.08 1.75
C SER B 27 1.41 -19.69 0.31
N GLY B 28 0.99 -20.29 -0.78
CA GLY B 28 1.76 -19.94 -2.06
C GLY B 28 0.79 -19.32 -3.08
N VAL B 29 -0.25 -18.65 -2.52
CA VAL B 29 -1.49 -18.32 -3.32
C VAL B 29 -1.37 -16.87 -3.71
N PRO B 30 -1.58 -16.46 -4.97
CA PRO B 30 -1.43 -15.05 -5.33
C PRO B 30 -2.54 -14.23 -4.62
N SER B 31 -2.27 -12.96 -4.37
CA SER B 31 -3.20 -11.99 -3.76
C SER B 31 -3.74 -11.05 -4.87
N SER B 32 -4.43 -11.65 -5.81
CA SER B 32 -4.69 -11.16 -7.19
C SER B 32 -6.10 -10.63 -7.16
N SER B 33 -7.07 -11.48 -7.51
CA SER B 33 -8.50 -11.35 -7.09
C SER B 33 -8.91 -12.70 -6.43
N ARG B 34 -8.15 -13.06 -5.42
CA ARG B 34 -8.24 -14.36 -4.76
C ARG B 34 -9.60 -14.41 -4.06
N VAL B 35 -10.24 -15.57 -4.12
CA VAL B 35 -11.55 -15.82 -3.44
C VAL B 35 -11.30 -17.01 -2.54
N MET B 36 -11.59 -16.88 -1.24
CA MET B 36 -11.34 -17.93 -0.23
C MET B 36 -12.70 -18.26 0.38
N GLY B 37 -12.86 -19.45 0.92
CA GLY B 37 -14.19 -19.92 1.32
C GLY B 37 -14.06 -21.11 2.22
N TRP B 38 -15.13 -21.37 2.92
CA TRP B 38 -15.28 -22.49 3.89
C TRP B 38 -16.38 -23.39 3.38
N PHE B 39 -16.12 -24.66 3.31
CA PHE B 39 -17.09 -25.71 2.97
C PHE B 39 -17.14 -26.65 4.18
N ARG B 40 -18.12 -27.55 4.20
CA ARG B 40 -18.20 -28.60 5.24
C ARG B 40 -18.93 -29.84 4.68
N GLN B 41 -18.61 -30.99 5.26
CA GLN B 41 -19.14 -32.31 4.84
C GLN B 41 -19.32 -33.18 6.08
N ALA B 42 -20.54 -33.69 6.30
CA ALA B 42 -20.79 -34.72 7.33
C ALA B 42 -20.59 -36.08 6.68
N PRO B 43 -20.31 -37.15 7.46
CA PRO B 43 -20.38 -38.53 6.95
C PRO B 43 -21.70 -38.77 6.21
N GLY B 44 -21.65 -39.41 5.04
CA GLY B 44 -22.85 -39.76 4.27
C GLY B 44 -23.40 -38.58 3.47
N LYS B 45 -22.84 -37.38 3.62
CA LYS B 45 -23.37 -36.17 2.95
C LYS B 45 -22.40 -35.68 1.86
N GLN B 46 -22.94 -35.01 0.84
CA GLN B 46 -22.13 -34.21 -0.12
C GLN B 46 -21.60 -32.96 0.58
N ARG B 47 -20.43 -32.49 0.12
CA ARG B 47 -19.80 -31.25 0.63
C ARG B 47 -20.69 -30.06 0.28
N GLU B 48 -20.99 -29.21 1.24
CA GLU B 48 -21.87 -28.02 1.04
C GLU B 48 -21.09 -26.73 1.42
N PHE B 49 -21.44 -25.66 0.73
CA PHE B 49 -20.91 -24.31 0.90
C PHE B 49 -21.30 -23.77 2.25
N VAL B 50 -20.42 -23.01 2.91
CA VAL B 50 -20.74 -22.35 4.21
C VAL B 50 -20.63 -20.83 4.03
N ALA B 51 -19.48 -20.34 3.62
CA ALA B 51 -19.25 -18.90 3.46
C ALA B 51 -18.03 -18.69 2.51
N ALA B 52 -17.95 -17.51 1.87
CA ALA B 52 -16.84 -17.10 1.03
C ALA B 52 -16.58 -15.59 1.20
N ILE B 53 -15.33 -15.19 0.98
CA ILE B 53 -14.83 -13.79 1.00
C ILE B 53 -13.98 -13.59 -0.26
N SER B 54 -14.15 -12.42 -0.85
CA SER B 54 -13.26 -11.82 -1.86
C SER B 54 -12.12 -11.21 -1.08
N TRP B 55 -10.90 -11.69 -1.33
CA TRP B 55 -9.66 -11.18 -0.69
C TRP B 55 -9.47 -9.68 -0.98
N THR B 56 -9.80 -9.19 -2.19
CA THR B 56 -9.42 -7.78 -2.52
C THR B 56 -10.50 -6.83 -1.94
N SER B 57 -11.79 -7.04 -2.21
CA SER B 57 -12.91 -6.14 -1.80
C SER B 57 -13.31 -6.34 -0.32
N GLY B 58 -12.99 -7.46 0.32
CA GLY B 58 -13.46 -7.79 1.68
C GLY B 58 -14.94 -8.16 1.69
N ASN B 59 -15.61 -8.18 0.52
CA ASN B 59 -17.05 -8.53 0.41
C ASN B 59 -17.24 -10.02 0.71
N VAL B 60 -18.40 -10.39 1.23
CA VAL B 60 -18.63 -11.66 2.00
C VAL B 60 -19.99 -12.26 1.57
N TYR B 61 -20.21 -13.54 1.88
CA TYR B 61 -21.43 -14.27 1.48
C TYR B 61 -21.58 -15.55 2.27
N TYR B 62 -22.80 -15.90 2.67
CA TYR B 62 -23.11 -17.01 3.59
C TYR B 62 -24.25 -17.88 3.04
N ALA B 63 -24.25 -19.16 3.41
CA ALA B 63 -25.42 -20.03 3.33
C ALA B 63 -26.45 -19.52 4.33
N ASP B 64 -27.74 -19.73 4.02
CA ASP B 64 -28.86 -19.28 4.88
C ASP B 64 -28.86 -20.05 6.19
N SER B 65 -28.19 -21.23 6.26
CA SER B 65 -28.25 -22.10 7.47
C SER B 65 -27.38 -21.51 8.60
N VAL B 66 -26.56 -20.53 8.20
CA VAL B 66 -25.34 -20.06 8.93
C VAL B 66 -25.49 -18.55 9.09
N LYS B 67 -26.16 -17.88 8.17
CA LYS B 67 -26.47 -16.42 8.22
C LYS B 67 -26.99 -16.06 9.61
N GLY B 68 -26.42 -15.02 10.22
CA GLY B 68 -26.79 -14.55 11.57
C GLY B 68 -25.86 -15.12 12.63
N ARG B 69 -25.34 -16.33 12.43
CA ARG B 69 -24.60 -17.14 13.43
C ARG B 69 -23.08 -17.09 13.19
N PHE B 70 -22.65 -17.22 11.95
CA PHE B 70 -21.22 -17.33 11.57
C PHE B 70 -20.75 -16.04 10.86
N THR B 71 -19.48 -15.69 11.07
CA THR B 71 -18.79 -14.50 10.53
C THR B 71 -17.47 -14.94 9.88
N ILE B 72 -17.30 -14.64 8.59
CA ILE B 72 -16.04 -14.92 7.81
C ILE B 72 -15.26 -13.60 7.60
N THR B 73 -13.94 -13.66 7.74
CA THR B 73 -13.05 -12.45 7.79
C THR B 73 -11.71 -12.86 7.29
N ARG B 74 -10.88 -11.90 6.91
CA ARG B 74 -9.59 -12.13 6.10
C ARG B 74 -8.59 -11.20 6.78
N ASP B 75 -7.40 -11.71 7.10
CA ASP B 75 -6.27 -10.85 7.53
C ASP B 75 -5.27 -10.91 6.40
N ASN B 76 -5.20 -9.82 5.62
CA ASN B 76 -4.36 -9.75 4.37
C ASN B 76 -2.89 -10.04 4.69
N ALA B 77 -2.29 -9.35 5.61
CA ALA B 77 -0.86 -9.40 5.97
C ALA B 77 -0.48 -10.83 6.37
N LYS B 78 -1.39 -11.58 7.01
CA LYS B 78 -1.09 -12.97 7.47
C LYS B 78 -1.45 -14.03 6.39
N ASN B 79 -2.18 -13.64 5.36
CA ASN B 79 -2.73 -14.58 4.34
C ASN B 79 -3.55 -15.66 5.07
N THR B 80 -4.38 -15.25 5.97
CA THR B 80 -5.16 -16.13 6.90
C THR B 80 -6.63 -15.67 6.98
N MET B 81 -7.54 -16.61 6.79
CA MET B 81 -8.99 -16.34 6.72
C MET B 81 -9.58 -17.01 7.96
N TYR B 82 -10.65 -16.46 8.49
CA TYR B 82 -11.25 -16.93 9.75
C TYR B 82 -12.74 -17.14 9.58
N LEU B 83 -13.30 -18.03 10.44
CA LEU B 83 -14.72 -18.39 10.43
C LEU B 83 -15.07 -18.49 11.89
N GLN B 84 -15.59 -17.39 12.46
CA GLN B 84 -16.07 -17.41 13.79
C GLN B 84 -17.43 -18.10 13.74
N MET B 85 -17.59 -19.21 14.48
CA MET B 85 -18.82 -20.03 14.55
C MET B 85 -19.46 -19.87 15.91
N ASP B 86 -20.54 -19.08 16.01
CA ASP B 86 -21.28 -18.80 17.26
C ASP B 86 -22.63 -19.51 17.24
N SER B 87 -23.27 -19.64 18.43
CA SER B 87 -24.64 -20.17 18.57
C SER B 87 -24.71 -21.53 17.89
N LEU B 88 -23.73 -22.41 18.13
CA LEU B 88 -23.54 -23.65 17.33
C LEU B 88 -24.69 -24.62 17.64
N LYS B 89 -25.09 -25.45 16.67
CA LYS B 89 -26.14 -26.50 16.81
C LYS B 89 -25.53 -27.84 16.39
N PRO B 90 -26.12 -28.99 16.81
CA PRO B 90 -25.62 -30.30 16.41
C PRO B 90 -25.56 -30.53 14.89
N GLU B 91 -26.39 -29.84 14.10
CA GLU B 91 -26.35 -30.00 12.62
C GLU B 91 -25.07 -29.39 12.02
N ASP B 92 -24.35 -28.53 12.75
CA ASP B 92 -23.09 -27.89 12.31
C ASP B 92 -21.91 -28.89 12.42
N THR B 93 -22.15 -30.07 12.99
CA THR B 93 -21.16 -31.17 13.13
C THR B 93 -20.73 -31.60 11.72
N ALA B 94 -19.44 -31.48 11.40
CA ALA B 94 -18.89 -31.82 10.04
C ALA B 94 -17.36 -31.65 10.00
N VAL B 95 -16.73 -32.09 8.95
CA VAL B 95 -15.32 -31.71 8.57
C VAL B 95 -15.39 -30.44 7.72
N TYR B 96 -14.76 -29.38 8.18
CA TYR B 96 -14.75 -28.06 7.51
C TYR B 96 -13.48 -27.97 6.70
N TYR B 97 -13.63 -27.64 5.42
CA TYR B 97 -12.50 -27.49 4.47
C TYR B 97 -12.39 -26.03 4.06
N CYS B 98 -11.14 -25.66 3.88
CA CYS B 98 -10.64 -24.37 3.37
C CYS B 98 -10.52 -24.41 1.87
N ASN B 99 -10.80 -23.32 1.16
CA ASN B 99 -10.68 -23.29 -0.34
C ASN B 99 -10.20 -21.91 -0.74
N ALA B 100 -9.33 -21.85 -1.76
CA ALA B 100 -8.89 -20.61 -2.42
C ALA B 100 -8.88 -20.84 -3.92
N ARG B 101 -9.49 -19.93 -4.70
CA ARG B 101 -9.60 -20.09 -6.18
C ARG B 101 -9.60 -18.69 -6.82
N ARG B 102 -9.37 -18.58 -8.12
CA ARG B 102 -9.60 -17.35 -8.91
C ARG B 102 -10.22 -17.82 -10.25
N ILE B 103 -11.22 -17.08 -10.72
CA ILE B 103 -11.94 -17.33 -11.98
C ILE B 103 -11.73 -16.11 -12.85
N ARG B 104 -11.04 -16.33 -14.01
CA ARG B 104 -10.76 -15.30 -15.05
C ARG B 104 -11.34 -15.83 -16.37
N PHE B 105 -12.30 -15.07 -16.93
CA PHE B 105 -13.07 -15.36 -18.18
C PHE B 105 -13.94 -16.61 -18.02
N GLY B 106 -14.28 -17.00 -16.80
CA GLY B 106 -15.03 -18.24 -16.53
C GLY B 106 -14.13 -19.47 -16.50
N VAL B 107 -12.82 -19.27 -16.60
CA VAL B 107 -11.82 -20.34 -16.38
C VAL B 107 -11.47 -20.30 -14.90
N ARG B 108 -11.56 -21.42 -14.20
CA ARG B 108 -11.00 -21.62 -12.84
C ARG B 108 -9.48 -21.78 -12.98
N VAL B 109 -8.76 -20.67 -12.78
CA VAL B 109 -7.28 -20.48 -12.97
C VAL B 109 -6.42 -21.25 -11.93
N TYR B 110 -6.99 -21.51 -10.77
CA TYR B 110 -6.46 -22.36 -9.69
C TYR B 110 -7.61 -22.63 -8.69
N ASP B 111 -7.44 -23.66 -7.88
CA ASP B 111 -8.46 -24.19 -6.98
C ASP B 111 -7.76 -25.11 -5.99
N TYR B 112 -7.35 -24.56 -4.85
CA TYR B 112 -6.67 -25.27 -3.74
C TYR B 112 -7.66 -25.50 -2.60
N TRP B 113 -7.45 -26.61 -1.88
CA TRP B 113 -8.28 -27.14 -0.78
C TRP B 113 -7.35 -27.65 0.32
N GLY B 114 -7.61 -27.30 1.59
CA GLY B 114 -6.89 -27.92 2.72
C GLY B 114 -7.41 -29.31 3.01
N GLN B 115 -6.86 -29.97 4.01
CA GLN B 115 -7.15 -31.37 4.41
C GLN B 115 -8.40 -31.47 5.31
N GLY B 116 -8.88 -30.38 5.87
CA GLY B 116 -10.13 -30.32 6.65
C GLY B 116 -9.87 -30.43 8.15
N THR B 117 -10.63 -29.71 8.99
CA THR B 117 -10.62 -29.85 10.46
C THR B 117 -12.02 -30.19 10.99
N GLN B 118 -12.11 -31.21 11.84
CA GLN B 118 -13.36 -31.79 12.40
C GLN B 118 -13.92 -30.79 13.43
N VAL B 119 -15.22 -30.54 13.34
CA VAL B 119 -15.98 -29.70 14.25
C VAL B 119 -17.17 -30.54 14.72
N THR B 120 -17.25 -30.81 16.03
CA THR B 120 -18.25 -31.69 16.68
C THR B 120 -19.02 -30.83 17.71
N VAL B 121 -20.32 -30.65 17.49
CA VAL B 121 -21.26 -29.92 18.38
C VAL B 121 -22.21 -30.96 19.00
N SER B 122 -22.20 -31.10 20.34
CA SER B 122 -23.03 -32.08 21.09
C SER B 122 -24.29 -31.42 21.64
N SER B 123 -25.36 -32.19 21.83
CA SER B 123 -26.57 -31.81 22.61
C SER B 123 -26.24 -31.86 24.11
N VAL C 4 10.02 23.13 4.80
CA VAL C 4 10.86 22.91 3.59
C VAL C 4 10.01 22.24 2.51
N GLN C 5 10.08 22.72 1.27
CA GLN C 5 9.28 22.24 0.13
C GLN C 5 10.11 22.37 -1.16
N LEU C 6 10.13 21.30 -1.95
CA LEU C 6 10.64 21.29 -3.35
C LEU C 6 9.42 21.19 -4.27
N VAL C 7 9.23 22.15 -5.17
CA VAL C 7 8.09 22.21 -6.12
C VAL C 7 8.66 22.03 -7.53
N GLU C 8 8.25 20.97 -8.22
CA GLU C 8 8.77 20.61 -9.57
C GLU C 8 7.78 21.10 -10.62
N SER C 9 8.25 21.58 -11.77
CA SER C 9 7.36 22.00 -12.88
C SER C 9 8.04 21.76 -14.22
N GLY C 10 7.24 21.62 -15.28
CA GLY C 10 7.71 21.56 -16.67
C GLY C 10 7.91 20.14 -17.17
N GLY C 11 7.16 19.17 -16.64
CA GLY C 11 7.08 17.81 -17.20
C GLY C 11 6.26 17.77 -18.49
N GLY C 12 5.82 16.57 -18.91
CA GLY C 12 4.85 16.40 -20.01
C GLY C 12 5.31 15.38 -21.03
N SER C 13 4.52 15.22 -22.10
CA SER C 13 4.81 14.41 -23.30
C SER C 13 5.55 15.26 -24.32
N VAL C 14 6.30 14.61 -25.21
CA VAL C 14 7.11 15.26 -26.28
C VAL C 14 7.57 14.16 -27.23
N GLN C 15 7.95 14.54 -28.46
CA GLN C 15 8.42 13.61 -29.53
C GLN C 15 9.94 13.44 -29.38
N ALA C 16 10.45 12.25 -29.69
CA ALA C 16 11.90 11.90 -29.71
C ALA C 16 12.67 12.92 -30.58
N GLY C 17 13.63 13.62 -30.00
CA GLY C 17 14.41 14.70 -30.64
C GLY C 17 14.02 16.08 -30.14
N GLY C 18 12.98 16.15 -29.31
CA GLY C 18 12.43 17.43 -28.79
C GLY C 18 13.08 17.88 -27.50
N SER C 19 12.48 18.87 -26.85
CA SER C 19 13.11 19.69 -25.79
C SER C 19 12.08 20.00 -24.70
N LEU C 20 12.43 19.70 -23.45
CA LEU C 20 11.68 20.00 -22.20
C LEU C 20 12.63 20.72 -21.24
N ARG C 21 12.09 21.58 -20.37
CA ARG C 21 12.79 22.25 -19.24
C ARG C 21 12.04 21.99 -17.93
N LEU C 22 12.63 21.20 -17.03
CA LEU C 22 12.16 21.00 -15.64
C LEU C 22 12.72 22.12 -14.78
N SER C 23 11.93 22.60 -13.82
CA SER C 23 12.36 23.57 -12.79
C SER C 23 12.07 22.99 -11.39
N CYS C 24 12.85 23.41 -10.39
CA CYS C 24 12.61 23.03 -8.97
C CYS C 24 12.75 24.26 -8.07
N ALA C 25 11.64 24.77 -7.54
CA ALA C 25 11.63 25.92 -6.61
C ALA C 25 11.81 25.39 -5.18
N ALA C 26 12.86 25.82 -4.48
CA ALA C 26 13.24 25.32 -3.13
C ALA C 26 12.99 26.40 -2.06
N SER C 27 11.89 26.26 -1.33
CA SER C 27 11.54 27.12 -0.17
C SER C 27 11.94 26.37 1.12
N GLY C 28 13.23 26.07 1.27
CA GLY C 28 13.74 25.08 2.23
C GLY C 28 14.71 25.70 3.22
N VAL C 29 15.90 25.11 3.35
CA VAL C 29 17.02 25.61 4.19
C VAL C 29 17.89 26.49 3.32
N PRO C 30 18.30 27.71 3.77
CA PRO C 30 19.36 28.46 3.09
C PRO C 30 20.65 27.62 3.02
N SER C 31 21.40 27.79 1.95
CA SER C 31 22.23 26.70 1.36
C SER C 31 23.70 27.00 1.60
N SER C 32 24.21 26.50 2.74
CA SER C 32 25.53 26.85 3.33
C SER C 32 26.63 25.90 2.84
N SER C 33 26.30 24.70 2.33
CA SER C 33 27.23 23.81 1.60
C SER C 33 26.43 22.77 0.82
N ARG C 34 25.39 23.20 0.09
CA ARG C 34 24.28 22.31 -0.36
C ARG C 34 24.49 21.87 -1.80
N VAL C 35 23.95 20.71 -2.18
CA VAL C 35 23.96 20.18 -3.57
C VAL C 35 22.51 19.97 -3.96
N MET C 36 22.06 20.49 -5.10
CA MET C 36 20.69 20.22 -5.63
C MET C 36 20.84 19.50 -6.98
N GLY C 37 19.87 18.68 -7.34
CA GLY C 37 20.00 17.84 -8.53
C GLY C 37 18.77 17.02 -8.81
N TRP C 38 18.79 16.30 -9.90
CA TRP C 38 17.65 15.60 -10.52
C TRP C 38 17.97 14.11 -10.54
N PHE C 39 17.02 13.28 -10.14
CA PHE C 39 17.01 11.80 -10.35
C PHE C 39 15.82 11.47 -11.21
N ARG C 40 15.72 10.23 -11.67
CA ARG C 40 14.59 9.73 -12.49
C ARG C 40 14.43 8.23 -12.29
N GLN C 41 13.20 7.76 -12.43
CA GLN C 41 12.81 6.36 -12.18
C GLN C 41 11.74 6.00 -13.22
N ALA C 42 11.95 4.92 -13.96
CA ALA C 42 10.86 4.34 -14.79
C ALA C 42 10.16 3.29 -13.95
N PRO C 43 8.87 2.97 -14.19
CA PRO C 43 8.15 1.95 -13.44
C PRO C 43 8.95 0.63 -13.39
N GLY C 44 9.00 0.00 -12.22
CA GLY C 44 9.64 -1.30 -12.01
C GLY C 44 11.14 -1.13 -11.81
N LYS C 45 11.71 0.05 -12.07
CA LYS C 45 13.20 0.21 -12.15
C LYS C 45 13.70 1.04 -10.96
N GLN C 46 14.97 0.87 -10.62
CA GLN C 46 15.63 1.64 -9.52
C GLN C 46 15.80 3.10 -9.96
N ARG C 47 15.69 4.04 -9.05
CA ARG C 47 15.87 5.48 -9.32
C ARG C 47 17.35 5.73 -9.61
N GLU C 48 17.65 6.42 -10.72
CA GLU C 48 19.04 6.66 -11.19
C GLU C 48 19.34 8.16 -11.23
N PHE C 49 20.59 8.52 -10.92
CA PHE C 49 21.09 9.91 -10.94
C PHE C 49 21.04 10.49 -12.35
N VAL C 50 20.72 11.78 -12.48
CA VAL C 50 20.67 12.45 -13.82
C VAL C 50 21.72 13.56 -13.87
N ALA C 51 21.60 14.56 -13.00
CA ALA C 51 22.53 15.71 -12.96
C ALA C 51 22.44 16.40 -11.60
N ALA C 52 23.50 17.15 -11.21
CA ALA C 52 23.54 17.92 -9.95
C ALA C 52 24.42 19.15 -10.12
N ILE C 53 24.14 20.21 -9.33
CA ILE C 53 25.01 21.42 -9.16
C ILE C 53 25.25 21.61 -7.66
N SER C 54 26.48 21.99 -7.30
CA SER C 54 26.81 22.50 -5.95
C SER C 54 26.33 23.95 -5.85
N TRP C 55 25.31 24.16 -5.01
CA TRP C 55 24.53 25.41 -4.90
C TRP C 55 25.44 26.54 -4.39
N THR C 56 26.30 26.19 -3.43
CA THR C 56 27.39 27.03 -2.88
C THR C 56 28.63 26.92 -3.77
N SER C 57 28.70 27.77 -4.81
CA SER C 57 29.94 28.03 -5.59
C SER C 57 30.46 26.69 -6.10
N GLY C 58 29.67 26.06 -6.96
CA GLY C 58 30.02 24.77 -7.58
C GLY C 58 29.69 24.77 -9.05
N ASN C 59 30.41 23.96 -9.83
CA ASN C 59 29.99 23.59 -11.21
C ASN C 59 29.06 22.37 -11.06
N VAL C 60 29.24 21.36 -11.90
CA VAL C 60 28.14 20.54 -12.47
C VAL C 60 28.60 19.08 -12.51
N TYR C 61 27.65 18.15 -12.59
CA TYR C 61 27.89 16.70 -12.79
C TYR C 61 26.71 16.12 -13.58
N TYR C 62 26.98 15.26 -14.54
CA TYR C 62 25.98 14.57 -15.38
C TYR C 62 26.25 13.07 -15.42
N ALA C 63 25.20 12.26 -15.55
CA ALA C 63 25.28 10.85 -15.97
C ALA C 63 25.79 10.82 -17.40
N ASP C 64 26.51 9.74 -17.76
CA ASP C 64 27.02 9.53 -19.14
C ASP C 64 25.88 9.40 -20.15
N SER C 65 24.68 9.03 -19.73
CA SER C 65 23.52 8.72 -20.63
C SER C 65 22.91 10.04 -21.15
N VAL C 66 23.33 11.13 -20.52
CA VAL C 66 22.66 12.46 -20.54
C VAL C 66 23.70 13.49 -21.00
N LYS C 67 24.98 13.25 -20.72
CA LYS C 67 26.11 14.12 -21.14
C LYS C 67 25.98 14.47 -22.63
N GLY C 68 26.10 15.74 -22.96
CA GLY C 68 25.99 16.26 -24.34
C GLY C 68 24.59 16.80 -24.60
N ARG C 69 23.57 16.22 -23.96
CA ARG C 69 22.13 16.41 -24.28
C ARG C 69 21.46 17.32 -23.25
N PHE C 70 21.71 17.13 -21.95
CA PHE C 70 20.99 17.87 -20.86
C PHE C 70 21.95 18.88 -20.19
N THR C 71 21.39 20.00 -19.74
CA THR C 71 22.13 21.17 -19.17
C THR C 71 21.45 21.58 -17.86
N ILE C 72 22.19 21.60 -16.75
CA ILE C 72 21.67 22.02 -15.39
C ILE C 72 22.17 23.42 -15.03
N THR C 73 21.30 24.26 -14.47
CA THR C 73 21.61 25.66 -14.07
C THR C 73 20.89 26.00 -12.77
N ARG C 74 21.30 27.06 -12.08
CA ARG C 74 20.74 27.50 -10.77
C ARG C 74 20.49 29.00 -10.86
N ASP C 75 19.30 29.47 -10.47
CA ASP C 75 19.03 30.91 -10.29
C ASP C 75 18.96 31.17 -8.79
N ASN C 76 20.05 31.70 -8.24
CA ASN C 76 20.26 31.86 -6.77
C ASN C 76 19.14 32.72 -6.18
N ALA C 77 18.87 33.90 -6.74
CA ALA C 77 17.90 34.88 -6.19
C ALA C 77 16.51 34.24 -6.08
N LYS C 78 16.13 33.37 -7.02
CA LYS C 78 14.78 32.73 -7.08
C LYS C 78 14.74 31.41 -6.30
N ASN C 79 15.89 30.89 -5.86
CA ASN C 79 16.01 29.58 -5.19
C ASN C 79 15.40 28.51 -6.11
N THR C 80 15.71 28.56 -7.39
CA THR C 80 15.14 27.67 -8.42
C THR C 80 16.28 27.07 -9.27
N MET C 81 16.25 25.76 -9.50
CA MET C 81 17.22 25.04 -10.35
C MET C 81 16.51 24.60 -11.63
N TYR C 82 17.25 24.50 -12.74
CA TYR C 82 16.67 24.11 -14.06
C TYR C 82 17.44 22.94 -14.66
N LEU C 83 16.76 22.16 -15.49
CA LEU C 83 17.31 21.00 -16.26
C LEU C 83 16.72 21.14 -17.66
N GLN C 84 17.50 21.73 -18.55
CA GLN C 84 17.12 21.84 -19.97
C GLN C 84 17.41 20.47 -20.59
N MET C 85 16.39 19.78 -21.09
CA MET C 85 16.49 18.40 -21.65
C MET C 85 16.29 18.46 -23.16
N ASP C 86 17.37 18.34 -23.94
CA ASP C 86 17.37 18.45 -25.42
C ASP C 86 17.65 17.08 -26.05
N SER C 87 17.32 16.91 -27.34
CA SER C 87 17.62 15.67 -28.11
C SER C 87 17.06 14.49 -27.32
N LEU C 88 15.80 14.58 -26.91
CA LEU C 88 15.21 13.57 -26.00
C LEU C 88 15.03 12.25 -26.75
N LYS C 89 15.14 11.12 -26.06
CA LYS C 89 14.97 9.75 -26.61
C LYS C 89 13.89 9.04 -25.79
N PRO C 90 13.26 7.98 -26.33
CA PRO C 90 12.27 7.22 -25.56
C PRO C 90 12.80 6.63 -24.23
N GLU C 91 14.10 6.38 -24.13
CA GLU C 91 14.78 5.86 -22.91
C GLU C 91 14.69 6.87 -21.77
N ASP C 92 14.51 8.16 -22.06
CA ASP C 92 14.46 9.27 -21.06
C ASP C 92 13.10 9.30 -20.36
N THR C 93 12.14 8.48 -20.82
CA THR C 93 10.77 8.39 -20.26
C THR C 93 10.84 7.92 -18.80
N ALA C 94 10.39 8.74 -17.85
CA ALA C 94 10.48 8.45 -16.39
C ALA C 94 9.78 9.52 -15.54
N VAL C 95 9.62 9.25 -14.25
CA VAL C 95 9.27 10.29 -13.22
C VAL C 95 10.59 10.89 -12.75
N TYR C 96 10.75 12.19 -12.91
CA TYR C 96 11.98 12.94 -12.52
C TYR C 96 11.70 13.52 -11.14
N TYR C 97 12.58 13.26 -10.17
CA TYR C 97 12.49 13.82 -8.80
C TYR C 97 13.63 14.82 -8.59
N CYS C 98 13.28 15.87 -7.86
CA CYS C 98 14.19 16.96 -7.41
C CYS C 98 14.77 16.58 -6.06
N ASN C 99 16.01 16.95 -5.79
CA ASN C 99 16.66 16.57 -4.52
C ASN C 99 17.57 17.72 -4.08
N ALA C 100 17.58 17.96 -2.77
CA ALA C 100 18.48 18.93 -2.12
C ALA C 100 19.08 18.23 -0.90
N ARG C 101 20.40 18.14 -0.83
CA ARG C 101 21.08 17.28 0.17
C ARG C 101 22.41 17.91 0.50
N ARG C 102 22.95 17.63 1.67
CA ARG C 102 24.29 18.09 2.13
C ARG C 102 24.93 16.89 2.79
N ILE C 103 26.15 16.55 2.39
CA ILE C 103 26.93 15.46 3.01
C ILE C 103 28.22 16.12 3.48
N ARG C 104 28.43 16.11 4.80
CA ARG C 104 29.46 16.90 5.51
C ARG C 104 30.76 16.11 5.30
N PHE C 105 31.14 15.23 6.24
CA PHE C 105 32.29 14.32 6.10
C PHE C 105 31.75 12.89 6.06
N GLY C 106 30.93 12.66 5.06
CA GLY C 106 30.29 11.35 4.81
C GLY C 106 28.98 11.21 5.56
N VAL C 107 28.61 12.17 6.40
CA VAL C 107 27.30 12.15 7.10
C VAL C 107 26.30 12.94 6.25
N ARG C 108 25.15 12.34 5.93
CA ARG C 108 24.01 13.08 5.31
C ARG C 108 23.43 13.96 6.42
N VAL C 109 23.43 15.28 6.22
CA VAL C 109 22.90 16.28 7.19
C VAL C 109 21.42 16.56 6.90
N TYR C 110 21.05 16.69 5.61
CA TYR C 110 19.65 16.85 5.14
C TYR C 110 19.52 16.11 3.79
N ASP C 111 18.28 15.85 3.39
CA ASP C 111 17.97 15.07 2.18
C ASP C 111 16.49 15.22 1.90
N TYR C 112 16.12 16.25 1.14
CA TYR C 112 14.74 16.55 0.73
C TYR C 112 14.55 16.13 -0.72
N TRP C 113 13.32 15.70 -1.04
CA TRP C 113 12.86 15.18 -2.36
C TRP C 113 11.49 15.79 -2.69
N GLY C 114 11.31 16.24 -3.94
CA GLY C 114 10.02 16.66 -4.48
C GLY C 114 9.13 15.46 -4.76
N GLN C 115 7.91 15.71 -5.24
CA GLN C 115 6.88 14.68 -5.48
C GLN C 115 7.16 13.90 -6.78
N GLY C 116 7.96 14.48 -7.68
CA GLY C 116 8.27 13.91 -9.00
C GLY C 116 7.31 14.40 -10.06
N THR C 117 7.83 14.67 -11.26
CA THR C 117 7.05 15.14 -12.43
C THR C 117 7.33 14.19 -13.59
N GLN C 118 6.29 13.68 -14.23
CA GLN C 118 6.36 12.68 -15.33
C GLN C 118 6.87 13.36 -16.60
N VAL C 119 7.83 12.71 -17.26
CA VAL C 119 8.41 13.12 -18.55
C VAL C 119 8.27 11.92 -19.48
N THR C 120 7.52 12.09 -20.59
CA THR C 120 7.14 11.02 -21.55
C THR C 120 7.66 11.41 -22.94
N VAL C 121 8.59 10.63 -23.49
CA VAL C 121 9.17 10.82 -24.85
C VAL C 121 8.67 9.66 -25.73
N SER C 122 7.92 9.96 -26.78
CA SER C 122 7.32 8.98 -27.73
C SER C 122 8.18 8.84 -28.99
N SER C 123 8.06 7.70 -29.68
CA SER C 123 8.97 7.22 -30.76
C SER C 123 8.89 8.10 -32.01
N VAL D 4 -25.27 7.75 16.96
CA VAL D 4 -24.13 8.26 16.08
C VAL D 4 -24.49 8.01 14.62
N GLN D 5 -24.38 9.03 13.75
CA GLN D 5 -24.78 8.92 12.32
C GLN D 5 -23.91 9.82 11.44
N LEU D 6 -23.42 9.27 10.33
CA LEU D 6 -22.77 10.02 9.23
C LEU D 6 -23.73 10.02 8.05
N VAL D 7 -24.11 11.19 7.55
CA VAL D 7 -25.06 11.33 6.40
C VAL D 7 -24.28 11.98 5.26
N GLU D 8 -24.16 11.30 4.13
CA GLU D 8 -23.47 11.82 2.91
C GLU D 8 -24.46 12.46 1.93
N SER D 9 -24.05 13.49 1.20
CA SER D 9 -24.86 14.08 0.12
C SER D 9 -23.95 14.65 -0.98
N GLY D 10 -24.48 14.83 -2.18
CA GLY D 10 -23.85 15.59 -3.26
C GLY D 10 -23.14 14.70 -4.26
N GLY D 11 -23.55 13.44 -4.39
CA GLY D 11 -23.06 12.54 -5.46
C GLY D 11 -23.65 12.89 -6.82
N GLY D 12 -23.57 11.97 -7.78
CA GLY D 12 -24.27 12.06 -9.09
C GLY D 12 -23.38 11.73 -10.26
N SER D 13 -23.91 11.89 -11.47
CA SER D 13 -23.19 11.76 -12.77
C SER D 13 -22.65 13.13 -13.16
N VAL D 14 -21.58 13.16 -13.95
CA VAL D 14 -20.89 14.41 -14.41
C VAL D 14 -19.94 14.01 -15.53
N GLN D 15 -19.57 14.98 -16.37
CA GLN D 15 -18.65 14.80 -17.53
C GLN D 15 -17.21 14.98 -17.06
N ALA D 16 -16.29 14.18 -17.62
CA ALA D 16 -14.82 14.24 -17.35
C ALA D 16 -14.30 15.68 -17.51
N GLY D 17 -13.74 16.27 -16.44
CA GLY D 17 -13.26 17.66 -16.39
C GLY D 17 -14.17 18.55 -15.54
N GLY D 18 -15.30 18.01 -15.09
CA GLY D 18 -16.30 18.75 -14.30
C GLY D 18 -16.05 18.69 -12.81
N SER D 19 -17.05 19.10 -12.02
CA SER D 19 -16.91 19.44 -10.59
C SER D 19 -18.14 18.93 -9.83
N LEU D 20 -17.89 18.19 -8.72
CA LEU D 20 -18.88 17.74 -7.72
C LEU D 20 -18.39 18.18 -6.33
N ARG D 21 -19.33 18.36 -5.39
CA ARG D 21 -19.07 18.66 -3.96
C ARG D 21 -19.87 17.69 -3.07
N LEU D 22 -19.17 16.75 -2.42
CA LEU D 22 -19.72 15.82 -1.41
C LEU D 22 -19.72 16.53 -0.06
N SER D 23 -20.72 16.26 0.77
CA SER D 23 -20.80 16.71 2.18
C SER D 23 -21.06 15.50 3.10
N CYS D 24 -20.66 15.59 4.36
CA CYS D 24 -20.94 14.57 5.41
C CYS D 24 -21.33 15.25 6.71
N ALA D 25 -22.59 15.16 7.11
CA ALA D 25 -23.09 15.70 8.39
C ALA D 25 -22.92 14.65 9.48
N ALA D 26 -22.17 14.96 10.54
CA ALA D 26 -21.81 14.02 11.64
C ALA D 26 -22.55 14.39 12.94
N SER D 27 -23.60 13.64 13.23
CA SER D 27 -24.47 13.85 14.42
C SER D 27 -24.13 12.79 15.46
N GLY D 28 -23.67 13.19 16.65
CA GLY D 28 -23.50 12.29 17.81
C GLY D 28 -22.09 11.71 17.90
N VAL D 29 -21.18 12.24 17.10
CA VAL D 29 -19.80 11.71 16.88
C VAL D 29 -18.87 12.32 17.91
N PRO D 30 -18.05 11.49 18.62
CA PRO D 30 -17.17 11.99 19.66
C PRO D 30 -16.19 13.02 19.09
N SER D 31 -15.80 13.99 19.92
CA SER D 31 -14.79 14.99 19.53
C SER D 31 -13.46 14.75 20.24
N SER D 32 -13.29 13.64 20.98
CA SER D 32 -12.06 13.29 21.72
C SER D 32 -10.82 13.86 21.01
N SER D 33 -10.34 13.16 19.96
CA SER D 33 -9.44 13.71 18.92
C SER D 33 -10.09 13.31 17.61
N ARG D 34 -10.81 14.22 16.97
CA ARG D 34 -11.72 13.88 15.84
C ARG D 34 -10.92 13.98 14.54
N VAL D 35 -10.80 12.86 13.82
CA VAL D 35 -10.24 12.84 12.44
C VAL D 35 -11.33 12.26 11.58
N MET D 36 -11.74 12.95 10.52
CA MET D 36 -12.74 12.41 9.56
C MET D 36 -12.08 12.31 8.19
N GLY D 37 -12.60 11.46 7.33
CA GLY D 37 -12.03 11.25 5.99
C GLY D 37 -13.05 10.70 5.01
N TRP D 38 -12.65 10.68 3.74
CA TRP D 38 -13.42 10.14 2.60
C TRP D 38 -12.68 8.93 2.04
N PHE D 39 -13.38 7.83 1.82
CA PHE D 39 -12.90 6.64 1.08
C PHE D 39 -13.78 6.46 -0.14
N ARG D 40 -13.40 5.54 -1.03
CA ARG D 40 -14.17 5.22 -2.25
C ARG D 40 -13.86 3.79 -2.68
N GLN D 41 -14.82 3.17 -3.36
CA GLN D 41 -14.75 1.76 -3.81
C GLN D 41 -15.44 1.65 -5.18
N ALA D 42 -14.70 1.16 -6.17
CA ALA D 42 -15.24 0.81 -7.50
C ALA D 42 -15.67 -0.65 -7.45
N PRO D 43 -16.60 -1.11 -8.33
CA PRO D 43 -17.03 -2.50 -8.35
C PRO D 43 -15.84 -3.46 -8.47
N GLY D 44 -15.80 -4.51 -7.66
CA GLY D 44 -14.77 -5.55 -7.70
C GLY D 44 -13.42 -5.09 -7.15
N LYS D 45 -13.31 -3.84 -6.69
CA LYS D 45 -12.03 -3.26 -6.20
C LYS D 45 -12.08 -3.05 -4.68
N GLN D 46 -10.91 -2.98 -4.06
CA GLN D 46 -10.75 -2.67 -2.61
C GLN D 46 -11.17 -1.21 -2.36
N ARG D 47 -11.77 -0.95 -1.20
CA ARG D 47 -12.05 0.42 -0.72
C ARG D 47 -10.71 1.11 -0.47
N GLU D 48 -10.50 2.30 -1.06
CA GLU D 48 -9.21 3.00 -1.02
C GLU D 48 -9.45 4.37 -0.40
N PHE D 49 -8.44 4.83 0.33
CA PHE D 49 -8.39 6.15 0.98
C PHE D 49 -8.40 7.25 -0.08
N VAL D 50 -9.06 8.36 0.18
CA VAL D 50 -9.11 9.51 -0.76
C VAL D 50 -8.48 10.74 -0.07
N ALA D 51 -9.04 11.16 1.06
CA ALA D 51 -8.56 12.35 1.79
C ALA D 51 -9.04 12.31 3.24
N ALA D 52 -8.35 13.03 4.14
CA ALA D 52 -8.71 13.09 5.58
C ALA D 52 -8.30 14.43 6.18
N ILE D 53 -9.03 14.86 7.21
CA ILE D 53 -8.78 16.09 8.01
C ILE D 53 -8.82 15.75 9.50
N SER D 54 -7.90 16.32 10.28
CA SER D 54 -8.03 16.62 11.73
C SER D 54 -9.06 17.75 11.98
N TRP D 55 -10.06 17.52 12.81
CA TRP D 55 -11.08 18.53 13.21
C TRP D 55 -10.45 19.69 13.98
N THR D 56 -9.42 19.42 14.78
CA THR D 56 -8.74 20.38 15.71
C THR D 56 -7.91 21.35 14.89
N SER D 57 -6.92 20.88 14.12
CA SER D 57 -5.98 21.76 13.37
C SER D 57 -6.51 22.19 11.98
N GLY D 58 -7.46 21.47 11.39
CA GLY D 58 -7.74 21.53 9.94
C GLY D 58 -6.61 20.97 9.10
N ASN D 59 -5.64 20.24 9.67
CA ASN D 59 -4.57 19.54 8.88
C ASN D 59 -5.22 18.51 7.94
N VAL D 60 -4.63 18.38 6.77
CA VAL D 60 -5.23 17.69 5.61
C VAL D 60 -4.22 16.68 5.03
N TYR D 61 -4.74 15.67 4.32
CA TYR D 61 -3.93 14.66 3.63
C TYR D 61 -4.71 14.06 2.47
N TYR D 62 -4.05 13.81 1.33
CA TYR D 62 -4.66 13.29 0.09
C TYR D 62 -3.91 12.05 -0.42
N ALA D 63 -4.62 11.16 -1.12
CA ALA D 63 -4.03 10.15 -2.01
C ALA D 63 -3.36 10.86 -3.18
N ASP D 64 -2.29 10.29 -3.74
CA ASP D 64 -1.50 10.93 -4.83
C ASP D 64 -2.35 11.08 -6.09
N SER D 65 -3.38 10.25 -6.25
CA SER D 65 -4.23 10.19 -7.47
C SER D 65 -5.17 11.40 -7.52
N VAL D 66 -5.25 12.13 -6.42
CA VAL D 66 -6.33 13.08 -6.06
C VAL D 66 -5.67 14.42 -5.72
N LYS D 67 -4.45 14.37 -5.17
CA LYS D 67 -3.65 15.58 -4.83
C LYS D 67 -3.69 16.57 -6.01
N GLY D 68 -3.99 17.83 -5.71
CA GLY D 68 -4.05 18.92 -6.70
C GLY D 68 -5.47 19.16 -7.20
N ARG D 69 -6.30 18.11 -7.23
CA ARG D 69 -7.62 18.10 -7.92
C ARG D 69 -8.75 18.22 -6.89
N PHE D 70 -8.66 17.50 -5.77
CA PHE D 70 -9.72 17.49 -4.72
C PHE D 70 -9.23 18.29 -3.50
N THR D 71 -10.19 18.94 -2.86
CA THR D 71 -9.97 19.79 -1.66
C THR D 71 -10.94 19.34 -0.57
N ILE D 72 -10.42 18.93 0.60
CA ILE D 72 -11.23 18.55 1.79
C ILE D 72 -11.26 19.71 2.79
N THR D 73 -12.43 20.02 3.32
CA THR D 73 -12.64 21.12 4.30
C THR D 73 -13.58 20.63 5.38
N ARG D 74 -13.56 21.33 6.51
CA ARG D 74 -14.38 21.01 7.70
C ARG D 74 -15.07 22.31 8.10
N ASP D 75 -16.37 22.23 8.37
CA ASP D 75 -17.08 23.34 9.04
C ASP D 75 -17.37 22.86 10.46
N ASN D 76 -16.55 23.30 11.41
CA ASN D 76 -16.56 22.81 12.82
C ASN D 76 -17.94 23.04 13.43
N ALA D 77 -18.47 24.27 13.35
CA ALA D 77 -19.75 24.66 13.99
C ALA D 77 -20.90 23.80 13.48
N LYS D 78 -20.89 23.42 12.20
CA LYS D 78 -21.99 22.62 11.56
C LYS D 78 -21.75 21.11 11.68
N ASN D 79 -20.57 20.69 12.14
CA ASN D 79 -20.21 19.23 12.25
C ASN D 79 -20.35 18.59 10.87
N THR D 80 -19.87 19.28 9.83
CA THR D 80 -20.03 18.87 8.41
C THR D 80 -18.66 18.97 7.73
N MET D 81 -18.28 17.92 7.00
CA MET D 81 -17.01 17.76 6.25
C MET D 81 -17.37 17.91 4.76
N TYR D 82 -16.51 18.50 3.93
CA TYR D 82 -16.78 18.63 2.47
C TYR D 82 -15.60 18.08 1.66
N LEU D 83 -15.90 17.63 0.44
CA LEU D 83 -14.88 17.19 -0.55
C LEU D 83 -15.24 17.82 -1.89
N GLN D 84 -14.61 18.92 -2.20
CA GLN D 84 -14.76 19.58 -3.51
C GLN D 84 -13.94 18.76 -4.49
N MET D 85 -14.58 18.16 -5.50
CA MET D 85 -13.95 17.26 -6.50
C MET D 85 -13.93 17.96 -7.85
N ASP D 86 -12.77 18.46 -8.26
CA ASP D 86 -12.58 19.24 -9.52
C ASP D 86 -11.77 18.41 -10.52
N SER D 87 -11.82 18.78 -11.80
CA SER D 87 -10.99 18.17 -12.88
C SER D 87 -11.23 16.66 -12.84
N LEU D 88 -12.48 16.23 -12.79
CA LEU D 88 -12.84 14.81 -12.54
C LEU D 88 -12.43 13.96 -13.74
N LYS D 89 -12.04 12.70 -13.49
CA LYS D 89 -11.64 11.70 -14.54
C LYS D 89 -12.52 10.47 -14.40
N PRO D 90 -12.66 9.63 -15.45
CA PRO D 90 -13.43 8.39 -15.34
C PRO D 90 -12.94 7.42 -14.26
N GLU D 91 -11.65 7.49 -13.89
CA GLU D 91 -11.04 6.69 -12.80
C GLU D 91 -11.68 6.99 -11.45
N ASP D 92 -12.24 8.20 -11.27
CA ASP D 92 -12.83 8.68 -9.99
C ASP D 92 -14.22 8.06 -9.78
N THR D 93 -14.74 7.32 -10.76
CA THR D 93 -16.07 6.66 -10.70
C THR D 93 -16.05 5.61 -9.57
N ALA D 94 -16.91 5.77 -8.56
CA ALA D 94 -16.94 4.90 -7.36
C ALA D 94 -18.08 5.27 -6.41
N VAL D 95 -18.33 4.43 -5.41
CA VAL D 95 -19.17 4.79 -4.23
C VAL D 95 -18.23 5.42 -3.20
N TYR D 96 -18.49 6.67 -2.82
CA TYR D 96 -17.68 7.43 -1.84
C TYR D 96 -18.34 7.26 -0.48
N TYR D 97 -17.55 6.85 0.51
CA TYR D 97 -18.00 6.70 1.91
C TYR D 97 -17.30 7.75 2.77
N CYS D 98 -18.05 8.20 3.78
CA CYS D 98 -17.62 9.12 4.87
C CYS D 98 -17.15 8.27 6.06
N ASN D 99 -16.18 8.74 6.84
CA ASN D 99 -15.63 7.91 7.94
C ASN D 99 -15.16 8.80 9.09
N ALA D 100 -15.37 8.31 10.32
CA ALA D 100 -14.78 8.91 11.55
C ALA D 100 -14.32 7.76 12.44
N ARG D 101 -13.08 7.80 12.89
CA ARG D 101 -12.49 6.71 13.71
C ARG D 101 -11.42 7.31 14.61
N ARG D 102 -11.06 6.59 15.67
CA ARG D 102 -9.97 6.95 16.60
C ARG D 102 -9.17 5.67 16.82
N ILE D 103 -7.86 5.84 16.90
CA ILE D 103 -6.87 4.76 17.13
C ILE D 103 -6.13 5.15 18.39
N ARG D 104 -6.31 4.32 19.42
CA ARG D 104 -5.70 4.46 20.77
C ARG D 104 -4.95 3.14 21.02
N PHE D 105 -3.64 3.22 21.24
CA PHE D 105 -2.71 2.09 21.53
C PHE D 105 -2.55 1.17 20.31
N GLY D 106 -2.84 1.68 19.11
CA GLY D 106 -2.88 0.91 17.86
C GLY D 106 -4.17 0.16 17.67
N VAL D 107 -5.09 0.26 18.59
CA VAL D 107 -6.43 -0.39 18.52
C VAL D 107 -7.37 0.63 17.87
N ARG D 108 -8.13 0.21 16.86
CA ARG D 108 -9.23 1.03 16.30
C ARG D 108 -10.42 0.96 17.27
N VAL D 109 -10.56 2.00 18.11
CA VAL D 109 -11.50 2.07 19.27
C VAL D 109 -12.96 2.37 18.83
N TYR D 110 -13.13 3.00 17.68
CA TYR D 110 -14.45 3.12 17.00
C TYR D 110 -14.17 3.42 15.51
N ASP D 111 -15.17 3.17 14.69
CA ASP D 111 -15.01 3.27 13.23
C ASP D 111 -16.40 3.35 12.64
N TYR D 112 -16.91 4.58 12.47
CA TYR D 112 -18.24 4.81 11.88
C TYR D 112 -18.06 5.20 10.40
N TRP D 113 -19.03 4.78 9.60
CA TRP D 113 -19.11 4.91 8.14
C TRP D 113 -20.53 5.34 7.77
N GLY D 114 -20.66 6.25 6.81
CA GLY D 114 -21.95 6.51 6.15
C GLY D 114 -22.29 5.38 5.20
N GLN D 115 -23.43 5.47 4.52
CA GLN D 115 -23.92 4.37 3.64
C GLN D 115 -23.31 4.46 2.24
N GLY D 116 -22.69 5.58 1.89
CA GLY D 116 -21.99 5.77 0.61
C GLY D 116 -22.90 6.46 -0.40
N THR D 117 -22.33 7.36 -1.20
CA THR D 117 -23.02 8.08 -2.28
C THR D 117 -22.26 7.82 -3.60
N GLN D 118 -22.99 7.46 -4.67
CA GLN D 118 -22.42 7.12 -6.00
C GLN D 118 -21.92 8.39 -6.69
N VAL D 119 -20.73 8.32 -7.26
CA VAL D 119 -20.11 9.38 -8.10
C VAL D 119 -19.71 8.71 -9.41
N THR D 120 -20.31 9.16 -10.53
CA THR D 120 -20.14 8.60 -11.89
C THR D 120 -19.58 9.70 -12.80
N VAL D 121 -18.34 9.51 -13.29
CA VAL D 121 -17.66 10.42 -14.25
C VAL D 121 -17.60 9.70 -15.60
N SER D 122 -18.26 10.26 -16.62
CA SER D 122 -18.37 9.69 -17.99
C SER D 122 -17.35 10.35 -18.92
N SER D 123 -16.92 9.59 -19.94
CA SER D 123 -15.97 10.03 -20.98
C SER D 123 -16.70 10.92 -22.00
#